data_9G95
#
_entry.id   9G95
#
_cell.length_a   271.540
_cell.length_b   38.450
_cell.length_c   56.960
_cell.angle_alpha   90.00
_cell.angle_beta   93.09
_cell.angle_gamma   90.00
#
_symmetry.space_group_name_H-M   'C 1 2 1'
#
loop_
_entity.id
_entity.type
_entity.pdbx_description
1 polymer 'Lipid III flippase'
2 polymer 'NB10 Nanobody'
3 non-polymer '[(Z)-octadec-9-enyl] (2R)-2,3-bis(oxidanyl)propanoate'
4 non-polymer N-OCTANE
5 non-polymer 'SULFATE ION'
6 non-polymer 'ZINC ION'
7 non-polymer 'CHLORIDE ION'
#
loop_
_entity_poly.entity_id
_entity_poly.type
_entity_poly.pdbx_seq_one_letter_code
_entity_poly.pdbx_strand_id
1 'polypeptide(L)'
;MVSLAKASLWTAASTLVKIGAGLLVGKLLAVSFGPAGLGLAANFRQLITVLGVLAGAGIFNGVTKYVAQYHDNPQQLRRV
VGTSSAMVLGFSTLMALVFVLAAAPISQGLFGNTDYQGLVRLVALVQMGIAWGNLLLALMKGFRDAAGNALSLIVGSLIG
VLAYYVSYRLGGYEGALLGLALIPALVVIPAAIMLIKRGVIPLSYLKPSWDNGLAGQLSKFTLMALITSVTLPVAYIMMR
KLLAAQYSWDEVGIWQGVSSISDAYLQFITASFSVYLLPTLSRLTEKRDITREVVKSLKFVLPAVAAASFTVWLLRDFAI
WLLLSNKFTAMRDLFAWQLVGDVLKVGAYVFGYLVIAKASLRFYILAEVSQFTLLMVFAHWLIPAHGALGAAQAYMATYI
VYFSLCCGVFLLWRRRALEENLYFQ
;
A
2 'polypeptide(L)'
;MAQVQLVESGGGLVQAGGSLGLSCAASGRTFSNYVMAWFRQAPGKEREFVARISESRGTTDYADSVKGRFTISRDNAKNT
IYLQMNSLNPGDTAVYSCAATLPAWTGIIGGRRPGNYPYWGQGTQVTVSSHHHHHHEPEA
;
B
#
loop_
_chem_comp.id
_chem_comp.type
_chem_comp.name
_chem_comp.formula
CL non-polymer 'CHLORIDE ION' 'Cl -1'
MPG non-polymer '[(Z)-octadec-9-enyl] (2R)-2,3-bis(oxidanyl)propanoate' 'C21 H40 O4'
OCT non-polymer N-OCTANE 'C8 H18'
SO4 non-polymer 'SULFATE ION' 'O4 S -2'
ZN non-polymer 'ZINC ION' 'Zn 2'
#
# COMPACT_ATOMS: atom_id res chain seq x y z
N VAL A 2 29.77 -13.72 -0.72
CA VAL A 2 28.37 -13.40 -1.01
C VAL A 2 28.19 -13.26 -2.51
N SER A 3 26.97 -13.50 -3.00
CA SER A 3 26.71 -13.52 -4.42
C SER A 3 25.24 -13.19 -4.67
N LEU A 4 24.92 -12.92 -5.93
CA LEU A 4 23.54 -12.65 -6.31
C LEU A 4 22.66 -13.88 -6.14
N ALA A 5 23.23 -15.07 -6.37
CA ALA A 5 22.45 -16.30 -6.24
C ALA A 5 22.06 -16.55 -4.79
N LYS A 6 23.04 -16.50 -3.87
CA LYS A 6 22.72 -16.70 -2.45
C LYS A 6 21.76 -15.65 -1.95
N ALA A 7 21.92 -14.39 -2.38
CA ALA A 7 20.99 -13.35 -1.96
C ALA A 7 19.58 -13.65 -2.47
N SER A 8 19.48 -14.20 -3.68
CA SER A 8 18.17 -14.59 -4.21
C SER A 8 17.53 -15.70 -3.38
N LEU A 9 18.35 -16.60 -2.83
CA LEU A 9 17.82 -17.69 -2.02
C LEU A 9 17.22 -17.17 -0.72
N TRP A 10 17.93 -16.27 -0.04
CA TRP A 10 17.38 -15.62 1.15
C TRP A 10 16.15 -14.80 0.80
N THR A 11 16.25 -13.95 -0.22
CA THR A 11 15.16 -13.02 -0.54
C THR A 11 13.92 -13.74 -1.05
N ALA A 12 14.08 -14.88 -1.74
CA ALA A 12 12.91 -15.63 -2.18
C ALA A 12 12.12 -16.16 -1.00
N ALA A 13 12.80 -16.62 0.05
CA ALA A 13 12.11 -17.13 1.22
C ALA A 13 11.30 -16.04 1.91
N SER A 14 11.88 -14.85 2.07
CA SER A 14 11.15 -13.76 2.70
C SER A 14 10.00 -13.26 1.83
N THR A 15 10.22 -13.16 0.51
CA THR A 15 9.15 -12.70 -0.37
C THR A 15 7.99 -13.69 -0.42
N LEU A 16 8.30 -14.99 -0.39
CA LEU A 16 7.24 -16.00 -0.42
C LEU A 16 6.38 -15.95 0.84
N VAL A 17 7.01 -15.69 1.99
CA VAL A 17 6.24 -15.54 3.23
C VAL A 17 5.38 -14.30 3.17
N LYS A 18 5.90 -13.20 2.61
CA LYS A 18 5.10 -11.99 2.47
C LYS A 18 3.91 -12.23 1.54
N ILE A 19 4.11 -13.03 0.49
CA ILE A 19 3.02 -13.33 -0.42
C ILE A 19 2.00 -14.23 0.25
N GLY A 20 2.48 -15.29 0.92
CA GLY A 20 1.57 -16.17 1.64
C GLY A 20 0.79 -15.44 2.73
N ALA A 21 1.46 -14.54 3.45
CA ALA A 21 0.77 -13.76 4.47
C ALA A 21 -0.24 -12.82 3.85
N GLY A 22 0.11 -12.19 2.73
CA GLY A 22 -0.83 -11.30 2.06
C GLY A 22 -2.06 -12.03 1.54
N LEU A 23 -1.87 -13.20 0.94
CA LEU A 23 -3.00 -13.99 0.48
C LEU A 23 -3.88 -14.41 1.64
N LEU A 24 -3.28 -14.72 2.79
CA LEU A 24 -4.08 -15.11 3.95
C LEU A 24 -4.88 -13.91 4.47
N VAL A 25 -4.22 -12.76 4.63
CA VAL A 25 -4.91 -11.58 5.14
C VAL A 25 -5.95 -11.09 4.14
N GLY A 26 -5.64 -11.13 2.86
CA GLY A 26 -6.58 -10.67 1.85
C GLY A 26 -7.85 -11.50 1.80
N LYS A 27 -7.72 -12.82 1.93
CA LYS A 27 -8.91 -13.66 1.93
C LYS A 27 -9.68 -13.54 3.24
N LEU A 28 -8.98 -13.30 4.36
CA LEU A 28 -9.68 -13.03 5.61
C LEU A 28 -10.49 -11.74 5.50
N LEU A 29 -9.94 -10.72 4.85
CA LEU A 29 -10.64 -9.46 4.68
C LEU A 29 -11.84 -9.62 3.74
N ALA A 30 -11.68 -10.40 2.67
CA ALA A 30 -12.77 -10.61 1.73
C ALA A 30 -13.95 -11.34 2.38
N VAL A 31 -13.67 -12.44 3.07
CA VAL A 31 -14.72 -13.23 3.72
C VAL A 31 -15.40 -12.42 4.82
N SER A 32 -14.66 -11.54 5.48
CA SER A 32 -15.21 -10.82 6.62
C SER A 32 -16.08 -9.64 6.20
N PHE A 33 -15.69 -8.95 5.12
CA PHE A 33 -16.33 -7.67 4.78
C PHE A 33 -16.85 -7.60 3.35
N GLY A 34 -16.65 -8.63 2.53
CA GLY A 34 -17.24 -8.72 1.22
C GLY A 34 -16.81 -7.61 0.28
N PRO A 35 -17.53 -7.47 -0.84
CA PRO A 35 -17.15 -6.45 -1.83
C PRO A 35 -17.29 -5.04 -1.32
N ALA A 36 -18.23 -4.79 -0.39
CA ALA A 36 -18.39 -3.46 0.18
C ALA A 36 -17.16 -3.07 0.99
N GLY A 37 -16.62 -4.01 1.77
CA GLY A 37 -15.40 -3.73 2.52
C GLY A 37 -14.19 -3.55 1.62
N LEU A 38 -14.12 -4.33 0.54
CA LEU A 38 -13.00 -4.21 -0.38
C LEU A 38 -13.03 -2.88 -1.12
N GLY A 39 -14.22 -2.47 -1.58
CA GLY A 39 -14.33 -1.20 -2.29
C GLY A 39 -14.02 0.00 -1.42
N LEU A 40 -14.36 -0.07 -0.13
CA LEU A 40 -14.04 1.01 0.79
C LEU A 40 -12.57 0.99 1.21
N ALA A 41 -11.89 -0.15 1.12
CA ALA A 41 -10.49 -0.26 1.50
C ALA A 41 -9.54 -0.04 0.34
N ALA A 42 -10.03 0.19 -0.88
CA ALA A 42 -9.16 0.24 -2.05
C ALA A 42 -8.17 1.39 -1.96
N ASN A 43 -8.67 2.61 -1.78
CA ASN A 43 -7.79 3.78 -1.71
C ASN A 43 -6.87 3.71 -0.49
N PHE A 44 -7.42 3.33 0.67
CA PHE A 44 -6.61 3.23 1.88
C PHE A 44 -5.45 2.25 1.70
N ARG A 45 -5.69 1.13 1.01
CA ARG A 45 -4.63 0.16 0.79
C ARG A 45 -3.56 0.70 -0.17
N GLN A 46 -3.98 1.43 -1.21
CA GLN A 46 -3.01 2.04 -2.11
C GLN A 46 -2.18 3.09 -1.40
N LEU A 47 -2.76 3.82 -0.45
CA LEU A 47 -1.99 4.75 0.36
C LEU A 47 -0.93 4.04 1.19
N ILE A 48 -1.27 2.87 1.74
CA ILE A 48 -0.30 2.09 2.52
C ILE A 48 0.88 1.68 1.65
N THR A 49 0.60 1.28 0.41
CA THR A 49 1.69 0.96 -0.52
C THR A 49 2.57 2.18 -0.77
N VAL A 50 1.95 3.33 -1.04
CA VAL A 50 2.70 4.54 -1.34
C VAL A 50 3.58 4.94 -0.16
N LEU A 51 3.05 4.80 1.06
CA LEU A 51 3.79 5.18 2.26
C LEU A 51 5.06 4.36 2.44
N GLY A 52 5.14 3.17 1.86
CA GLY A 52 6.35 2.37 1.96
C GLY A 52 7.58 3.06 1.40
N VAL A 53 7.40 3.98 0.45
CA VAL A 53 8.48 4.80 -0.06
C VAL A 53 8.36 6.25 0.41
N LEU A 54 7.15 6.77 0.53
CA LEU A 54 6.97 8.18 0.82
C LEU A 54 7.33 8.53 2.26
N ALA A 55 7.07 7.61 3.20
CA ALA A 55 7.24 7.95 4.61
C ALA A 55 8.67 8.32 4.95
N GLY A 56 9.65 7.71 4.27
CA GLY A 56 11.04 8.05 4.50
C GLY A 56 11.64 8.91 3.41
N ALA A 57 10.80 9.62 2.68
CA ALA A 57 11.22 10.55 1.62
C ALA A 57 12.01 9.86 0.51
N GLY A 58 11.82 8.56 0.35
CA GLY A 58 12.40 7.84 -0.78
C GLY A 58 13.91 7.81 -0.83
N ILE A 59 14.59 8.00 0.30
CA ILE A 59 16.05 7.99 0.31
C ILE A 59 16.63 6.59 0.45
N PHE A 60 15.80 5.57 0.56
CA PHE A 60 16.25 4.25 1.01
C PHE A 60 17.34 3.67 0.11
N ASN A 61 17.14 3.75 -1.21
CA ASN A 61 18.17 3.27 -2.13
C ASN A 61 19.48 4.04 -1.95
N GLY A 62 19.39 5.34 -1.66
CA GLY A 62 20.59 6.11 -1.38
C GLY A 62 21.26 5.68 -0.09
N VAL A 63 20.47 5.35 0.93
CA VAL A 63 21.02 4.82 2.16
C VAL A 63 21.84 3.57 1.87
N THR A 64 21.26 2.62 1.13
CA THR A 64 21.98 1.41 0.75
C THR A 64 23.23 1.74 -0.06
N LYS A 65 23.10 2.66 -1.01
CA LYS A 65 24.24 2.98 -1.89
C LYS A 65 25.41 3.53 -1.10
N TYR A 66 25.16 4.51 -0.22
CA TYR A 66 26.26 5.19 0.44
C TYR A 66 26.79 4.40 1.65
N VAL A 67 25.93 3.62 2.31
CA VAL A 67 26.40 2.71 3.34
C VAL A 67 27.36 1.69 2.73
N ALA A 68 27.00 1.12 1.59
CA ALA A 68 27.91 0.23 0.87
C ALA A 68 29.22 0.92 0.51
N GLN A 69 29.13 2.16 0.00
CA GLN A 69 30.33 2.86 -0.43
C GLN A 69 31.28 3.11 0.74
N TYR A 70 30.74 3.35 1.93
CA TYR A 70 31.55 3.70 3.10
C TYR A 70 31.52 2.62 4.17
N HIS A 71 31.24 1.37 3.80
CA HIS A 71 31.13 0.32 4.80
C HIS A 71 32.45 0.02 5.50
N ASP A 72 33.57 0.46 4.92
CA ASP A 72 34.88 0.34 5.56
C ASP A 72 35.41 1.71 6.01
N ASN A 73 34.52 2.67 6.23
CA ASN A 73 34.88 4.03 6.60
C ASN A 73 33.98 4.41 7.78
N PRO A 74 34.42 4.16 9.01
CA PRO A 74 33.53 4.38 10.16
C PRO A 74 33.08 5.83 10.31
N GLN A 75 33.99 6.78 10.05
CA GLN A 75 33.65 8.19 10.22
C GLN A 75 32.56 8.62 9.24
N GLN A 76 32.73 8.29 7.96
CA GLN A 76 31.72 8.63 6.97
C GLN A 76 30.45 7.81 7.16
N LEU A 77 30.59 6.53 7.53
CA LEU A 77 29.42 5.69 7.75
C LEU A 77 28.52 6.26 8.82
N ARG A 78 29.10 6.73 9.93
CA ARG A 78 28.31 7.37 10.97
C ARG A 78 27.60 8.61 10.44
N ARG A 79 28.29 9.40 9.62
CA ARG A 79 27.68 10.59 9.02
C ARG A 79 26.53 10.20 8.11
N VAL A 80 26.70 9.13 7.31
CA VAL A 80 25.66 8.68 6.39
C VAL A 80 24.41 8.28 7.17
N VAL A 81 24.58 7.42 8.16
CA VAL A 81 23.44 6.91 8.93
C VAL A 81 22.82 8.03 9.75
N GLY A 82 23.63 8.93 10.29
CA GLY A 82 23.09 10.03 11.06
C GLY A 82 22.24 10.97 10.22
N THR A 83 22.74 11.34 9.04
CA THR A 83 21.96 12.21 8.15
C THR A 83 20.71 11.49 7.66
N SER A 84 20.82 10.20 7.33
CA SER A 84 19.64 9.45 6.91
C SER A 84 18.60 9.37 8.01
N SER A 85 19.05 9.16 9.26
CA SER A 85 18.13 9.14 10.38
C SER A 85 17.43 10.49 10.54
N ALA A 86 18.20 11.58 10.43
CA ALA A 86 17.61 12.92 10.53
C ALA A 86 16.58 13.16 9.45
N MET A 87 16.86 12.69 8.22
CA MET A 87 15.94 12.94 7.11
C MET A 87 14.67 12.12 7.26
N VAL A 88 14.79 10.88 7.71
CA VAL A 88 13.61 10.04 7.92
C VAL A 88 12.80 10.56 9.11
N LEU A 89 13.48 10.91 10.21
CA LEU A 89 12.79 11.47 11.37
C LEU A 89 12.08 12.76 11.00
N GLY A 90 12.78 13.67 10.33
CA GLY A 90 12.19 14.96 10.00
C GLY A 90 11.00 14.84 9.08
N PHE A 91 11.12 14.04 8.02
CA PHE A 91 10.02 13.93 7.06
C PHE A 91 8.85 13.15 7.63
N SER A 92 9.13 12.05 8.34
CA SER A 92 8.05 11.26 8.94
C SER A 92 7.29 12.09 9.98
N THR A 93 8.00 12.93 10.72
CA THR A 93 7.33 13.82 11.67
C THR A 93 6.45 14.83 10.94
N LEU A 94 6.97 15.44 9.88
CA LEU A 94 6.17 16.35 9.08
C LEU A 94 4.95 15.63 8.50
N MET A 95 5.15 14.39 8.03
CA MET A 95 4.04 13.61 7.51
C MET A 95 3.00 13.34 8.58
N ALA A 96 3.45 12.99 9.79
CA ALA A 96 2.51 12.73 10.88
C ALA A 96 1.67 13.96 11.20
N LEU A 97 2.27 15.15 11.15
CA LEU A 97 1.53 16.37 11.42
C LEU A 97 0.52 16.65 10.31
N VAL A 98 0.92 16.48 9.05
CA VAL A 98 0.00 16.69 7.94
C VAL A 98 -1.17 15.72 8.01
N PHE A 99 -0.90 14.48 8.42
CA PHE A 99 -1.96 13.48 8.50
C PHE A 99 -2.95 13.80 9.61
N VAL A 100 -2.45 14.18 10.79
CA VAL A 100 -3.34 14.44 11.91
C VAL A 100 -4.11 15.75 11.70
N LEU A 101 -3.48 16.74 11.07
CA LEU A 101 -4.14 18.03 10.88
C LEU A 101 -5.23 17.93 9.81
N ALA A 102 -4.98 17.18 8.75
CA ALA A 102 -5.93 17.05 7.64
C ALA A 102 -6.56 15.67 7.60
N ALA A 103 -6.83 15.09 8.78
CA ALA A 103 -7.42 13.76 8.82
C ALA A 103 -8.80 13.74 8.18
N ALA A 104 -9.55 14.84 8.27
CA ALA A 104 -10.88 14.87 7.65
C ALA A 104 -10.81 14.94 6.13
N PRO A 105 -10.06 15.86 5.51
CA PRO A 105 -9.95 15.81 4.04
C PRO A 105 -9.32 14.54 3.51
N ILE A 106 -8.38 13.95 4.24
CA ILE A 106 -7.76 12.70 3.80
C ILE A 106 -8.77 11.57 3.86
N SER A 107 -9.54 11.49 4.95
CA SER A 107 -10.60 10.48 5.05
C SER A 107 -11.62 10.65 3.92
N GLN A 108 -11.97 11.89 3.59
CA GLN A 108 -12.92 12.13 2.51
C GLN A 108 -12.39 11.60 1.18
N GLY A 109 -11.11 11.85 0.90
CA GLY A 109 -10.53 11.39 -0.35
C GLY A 109 -10.33 9.88 -0.41
N LEU A 110 -10.20 9.25 0.75
CA LEU A 110 -9.94 7.81 0.82
C LEU A 110 -11.23 6.99 0.82
N PHE A 111 -12.22 7.39 1.62
CA PHE A 111 -13.41 6.59 1.85
C PHE A 111 -14.70 7.24 1.37
N GLY A 112 -14.69 8.54 1.06
CA GLY A 112 -15.87 9.23 0.60
C GLY A 112 -16.62 9.98 1.69
N ASN A 113 -16.24 9.82 2.95
CA ASN A 113 -16.82 10.58 4.05
C ASN A 113 -15.74 10.80 5.09
N THR A 114 -16.13 11.47 6.18
CA THR A 114 -15.18 11.88 7.21
C THR A 114 -15.21 10.97 8.44
N ASP A 115 -15.81 9.79 8.34
CA ASP A 115 -16.00 8.92 9.49
C ASP A 115 -14.75 8.16 9.88
N TYR A 116 -13.62 8.38 9.21
CA TYR A 116 -12.40 7.60 9.42
C TYR A 116 -11.24 8.48 9.88
N GLN A 117 -11.57 9.61 10.52
CA GLN A 117 -10.54 10.54 10.99
C GLN A 117 -9.62 9.88 12.02
N GLY A 118 -10.20 9.10 12.93
CA GLY A 118 -9.39 8.43 13.94
C GLY A 118 -8.40 7.44 13.35
N LEU A 119 -8.84 6.68 12.34
CA LEU A 119 -7.92 5.75 11.67
C LEU A 119 -6.80 6.49 10.96
N VAL A 120 -7.10 7.63 10.35
CA VAL A 120 -6.07 8.41 9.67
C VAL A 120 -5.07 8.96 10.69
N ARG A 121 -5.56 9.43 11.84
CA ARG A 121 -4.68 9.93 12.88
C ARG A 121 -3.78 8.82 13.43
N LEU A 122 -4.31 7.60 13.52
CA LEU A 122 -3.47 6.47 13.92
C LEU A 122 -2.41 6.18 12.87
N VAL A 123 -2.79 6.22 11.59
CA VAL A 123 -1.84 5.98 10.50
C VAL A 123 -0.71 7.00 10.54
N ALA A 124 -1.00 8.22 11.02
CA ALA A 124 0.04 9.24 11.16
C ALA A 124 1.18 8.77 12.05
N LEU A 125 0.88 7.93 13.05
CA LEU A 125 1.92 7.35 13.89
C LEU A 125 2.44 6.04 13.33
N VAL A 126 1.60 5.29 12.62
CA VAL A 126 2.02 4.00 12.06
C VAL A 126 3.05 4.21 10.95
N GLN A 127 2.90 5.28 10.16
CA GLN A 127 3.84 5.52 9.07
C GLN A 127 5.24 5.85 9.57
N MET A 128 5.37 6.30 10.83
CA MET A 128 6.69 6.44 11.41
C MET A 128 7.39 5.09 11.53
N GLY A 129 6.67 4.06 11.96
CA GLY A 129 7.23 2.73 11.99
C GLY A 129 7.57 2.20 10.61
N ILE A 130 6.75 2.55 9.61
CA ILE A 130 7.04 2.16 8.24
C ILE A 130 8.35 2.80 7.77
N ALA A 131 8.49 4.11 7.98
CA ALA A 131 9.69 4.82 7.55
C ALA A 131 10.93 4.30 8.29
N TRP A 132 10.83 4.13 9.62
CA TRP A 132 11.99 3.71 10.39
C TRP A 132 12.35 2.26 10.09
N GLY A 133 11.34 1.40 9.91
CA GLY A 133 11.63 0.02 9.55
C GLY A 133 12.32 -0.08 8.19
N ASN A 134 11.85 0.68 7.21
CA ASN A 134 12.46 0.64 5.89
C ASN A 134 13.88 1.19 5.91
N LEU A 135 14.17 2.14 6.81
CA LEU A 135 15.52 2.65 6.93
C LEU A 135 16.47 1.56 7.44
N LEU A 136 16.05 0.84 8.48
CA LEU A 136 16.88 -0.21 9.05
C LEU A 136 17.13 -1.32 8.03
N LEU A 137 16.11 -1.67 7.25
CA LEU A 137 16.29 -2.65 6.19
C LEU A 137 17.29 -2.15 5.14
N ALA A 138 17.16 -0.88 4.76
CA ALA A 138 18.08 -0.30 3.78
C ALA A 138 19.51 -0.28 4.30
N LEU A 139 19.68 -0.08 5.60
CA LEU A 139 21.02 -0.18 6.20
C LEU A 139 21.60 -1.58 6.00
N MET A 140 20.81 -2.61 6.34
CA MET A 140 21.29 -3.97 6.16
C MET A 140 21.66 -4.26 4.70
N LYS A 141 20.83 -3.78 3.77
CA LYS A 141 21.14 -3.98 2.36
C LYS A 141 22.44 -3.30 1.96
N GLY A 142 22.76 -2.16 2.59
CA GLY A 142 24.03 -1.51 2.34
C GLY A 142 25.21 -2.37 2.73
N PHE A 143 25.03 -3.24 3.70
CA PHE A 143 26.04 -4.20 4.12
C PHE A 143 25.91 -5.55 3.42
N ARG A 144 24.98 -5.67 2.47
CA ARG A 144 24.71 -6.91 1.75
C ARG A 144 24.30 -8.04 2.70
N ASP A 145 23.64 -7.69 3.80
CA ASP A 145 23.20 -8.67 4.79
C ASP A 145 21.85 -9.24 4.37
N ALA A 146 21.90 -10.15 3.39
CA ALA A 146 20.67 -10.76 2.88
C ALA A 146 19.93 -11.54 3.96
N ALA A 147 20.67 -12.14 4.89
CA ALA A 147 20.04 -12.95 5.94
C ALA A 147 19.32 -12.08 6.95
N GLY A 148 19.98 -11.01 7.42
CA GLY A 148 19.32 -10.10 8.35
C GLY A 148 18.08 -9.45 7.74
N ASN A 149 18.19 -9.00 6.49
CA ASN A 149 17.04 -8.43 5.79
C ASN A 149 15.90 -9.44 5.69
N ALA A 150 16.20 -10.66 5.23
CA ALA A 150 15.16 -11.66 5.04
C ALA A 150 14.54 -12.10 6.36
N LEU A 151 15.36 -12.35 7.39
CA LEU A 151 14.81 -12.75 8.68
C LEU A 151 13.93 -11.66 9.28
N SER A 152 14.32 -10.39 9.09
CA SER A 152 13.51 -9.29 9.61
C SER A 152 12.14 -9.28 8.94
N LEU A 153 12.11 -9.34 7.61
CA LEU A 153 10.85 -9.32 6.87
C LEU A 153 9.99 -10.53 7.22
N ILE A 154 10.61 -11.69 7.44
CA ILE A 154 9.85 -12.89 7.77
C ILE A 154 9.16 -12.73 9.12
N VAL A 155 9.92 -12.32 10.14
CA VAL A 155 9.33 -12.09 11.47
C VAL A 155 8.22 -11.04 11.39
N GLY A 156 8.44 -10.00 10.61
CA GLY A 156 7.45 -8.93 10.51
C GLY A 156 6.15 -9.39 9.87
N SER A 157 6.24 -10.20 8.81
CA SER A 157 5.04 -10.73 8.18
C SER A 157 4.24 -11.60 9.16
N LEU A 158 4.93 -12.47 9.89
CA LEU A 158 4.22 -13.39 10.79
C LEU A 158 3.59 -12.65 11.95
N ILE A 159 4.30 -11.70 12.55
CA ILE A 159 3.69 -10.90 13.62
C ILE A 159 2.62 -9.99 13.04
N GLY A 160 2.75 -9.60 11.77
CA GLY A 160 1.74 -8.78 11.13
C GLY A 160 0.42 -9.50 11.01
N VAL A 161 0.45 -10.78 10.62
CA VAL A 161 -0.78 -11.57 10.53
C VAL A 161 -1.43 -11.68 11.90
N LEU A 162 -0.63 -11.94 12.94
CA LEU A 162 -1.18 -11.99 14.29
C LEU A 162 -1.80 -10.66 14.69
N ALA A 163 -1.11 -9.56 14.41
CA ALA A 163 -1.65 -8.25 14.75
C ALA A 163 -2.93 -7.95 13.99
N TYR A 164 -2.98 -8.31 12.70
CA TYR A 164 -4.21 -8.12 11.94
C TYR A 164 -5.38 -8.91 12.54
N TYR A 165 -5.11 -10.15 12.96
CA TYR A 165 -6.17 -10.96 13.54
C TYR A 165 -6.75 -10.32 14.79
N VAL A 166 -5.88 -9.94 15.73
CA VAL A 166 -6.34 -9.29 16.95
C VAL A 166 -7.04 -7.98 16.61
N SER A 167 -6.52 -7.24 15.63
CA SER A 167 -7.04 -5.90 15.36
C SER A 167 -8.45 -5.96 14.79
N TYR A 168 -8.73 -6.86 13.84
CA TYR A 168 -10.06 -6.89 13.26
C TYR A 168 -11.05 -7.60 14.18
N ARG A 169 -10.60 -8.59 14.95
CA ARG A 169 -11.50 -9.23 15.91
C ARG A 169 -11.93 -8.25 16.98
N LEU A 170 -11.02 -7.35 17.39
CA LEU A 170 -11.35 -6.37 18.40
C LEU A 170 -12.17 -5.21 17.83
N GLY A 171 -11.69 -4.62 16.74
CA GLY A 171 -12.26 -3.39 16.24
C GLY A 171 -12.98 -3.47 14.91
N GLY A 172 -13.35 -4.68 14.50
CA GLY A 172 -14.14 -4.82 13.29
C GLY A 172 -13.42 -4.34 12.04
N TYR A 173 -14.19 -3.70 11.15
CA TYR A 173 -13.65 -3.29 9.86
C TYR A 173 -12.52 -2.28 10.01
N GLU A 174 -12.69 -1.28 10.88
CA GLU A 174 -11.65 -0.27 11.06
C GLU A 174 -10.41 -0.89 11.70
N GLY A 175 -10.61 -1.84 12.62
CA GLY A 175 -9.47 -2.59 13.13
C GLY A 175 -8.75 -3.37 12.06
N ALA A 176 -9.50 -3.91 11.09
CA ALA A 176 -8.89 -4.61 9.97
C ALA A 176 -8.03 -3.67 9.14
N LEU A 177 -8.56 -2.48 8.84
CA LEU A 177 -7.79 -1.48 8.10
C LEU A 177 -6.51 -1.10 8.86
N LEU A 178 -6.63 -0.90 10.18
CA LEU A 178 -5.45 -0.61 10.99
C LEU A 178 -4.43 -1.73 10.88
N GLY A 179 -4.89 -2.98 10.92
CA GLY A 179 -3.98 -4.10 10.75
C GLY A 179 -3.28 -4.09 9.41
N LEU A 180 -3.98 -3.64 8.37
CA LEU A 180 -3.36 -3.53 7.05
C LEU A 180 -2.22 -2.51 7.06
N ALA A 181 -2.41 -1.41 7.78
CA ALA A 181 -1.34 -0.42 7.92
C ALA A 181 -0.20 -0.94 8.80
N LEU A 182 -0.53 -1.80 9.76
CA LEU A 182 0.49 -2.33 10.68
C LEU A 182 1.35 -3.41 10.05
N ILE A 183 0.90 -4.02 8.96
CA ILE A 183 1.67 -5.07 8.29
C ILE A 183 3.08 -4.56 7.97
N PRO A 184 3.25 -3.48 7.18
CA PRO A 184 4.62 -3.03 6.89
C PRO A 184 5.28 -2.27 8.03
N ALA A 185 4.54 -1.83 9.04
CA ALA A 185 5.14 -1.04 10.12
C ALA A 185 5.81 -1.92 11.17
N LEU A 186 5.24 -3.08 11.47
CA LEU A 186 5.76 -3.93 12.53
C LEU A 186 7.13 -4.52 12.21
N VAL A 187 7.61 -4.39 10.96
CA VAL A 187 8.95 -4.85 10.62
C VAL A 187 10.02 -4.11 11.43
N VAL A 188 9.70 -2.92 11.94
CA VAL A 188 10.69 -2.12 12.66
C VAL A 188 11.17 -2.84 13.91
N ILE A 189 10.33 -3.67 14.52
CA ILE A 189 10.70 -4.36 15.76
C ILE A 189 11.77 -5.40 15.49
N PRO A 190 11.58 -6.37 14.58
CA PRO A 190 12.69 -7.31 14.31
C PRO A 190 13.87 -6.66 13.63
N ALA A 191 13.64 -5.68 12.74
CA ALA A 191 14.75 -5.02 12.05
C ALA A 191 15.69 -4.35 13.05
N ALA A 192 15.14 -3.64 14.04
CA ALA A 192 15.99 -3.01 15.05
C ALA A 192 16.73 -4.06 15.87
N ILE A 193 16.03 -5.13 16.25
CA ILE A 193 16.66 -6.19 17.03
C ILE A 193 17.77 -6.86 16.22
N MET A 194 17.47 -7.22 14.97
CA MET A 194 18.44 -7.94 14.16
C MET A 194 19.67 -7.09 13.87
N LEU A 195 19.48 -5.80 13.60
CA LEU A 195 20.61 -4.93 13.27
C LEU A 195 21.59 -4.84 14.43
N ILE A 196 21.08 -4.65 15.65
CA ILE A 196 21.96 -4.50 16.81
C ILE A 196 22.55 -5.85 17.20
N LYS A 197 21.75 -6.91 17.19
CA LYS A 197 22.23 -8.21 17.64
C LYS A 197 23.28 -8.77 16.70
N ARG A 198 23.16 -8.51 15.40
CA ARG A 198 24.11 -9.04 14.43
C ARG A 198 25.41 -8.23 14.36
N GLY A 199 25.52 -7.14 15.11
CA GLY A 199 26.74 -6.37 15.13
C GLY A 199 27.05 -5.61 13.87
N VAL A 200 26.02 -5.28 13.08
CA VAL A 200 26.24 -4.60 11.80
C VAL A 200 26.82 -3.21 12.02
N ILE A 201 26.12 -2.39 12.81
CA ILE A 201 26.62 -1.07 13.17
C ILE A 201 26.34 -0.82 14.65
N PRO A 202 27.09 0.09 15.26
CA PRO A 202 26.74 0.54 16.61
C PRO A 202 25.39 1.26 16.62
N LEU A 203 24.66 1.08 17.72
CA LEU A 203 23.36 1.73 17.86
C LEU A 203 23.46 3.25 17.77
N SER A 204 24.59 3.81 18.23
CA SER A 204 24.74 5.26 18.26
C SER A 204 24.76 5.88 16.87
N TYR A 205 25.04 5.09 15.83
CA TYR A 205 25.04 5.62 14.47
C TYR A 205 23.69 6.21 14.09
N LEU A 206 22.61 5.70 14.69
CA LEU A 206 21.26 6.11 14.34
C LEU A 206 20.83 7.42 14.99
N LYS A 207 21.66 8.02 15.83
CA LYS A 207 21.34 9.34 16.39
C LYS A 207 21.31 10.36 15.28
N PRO A 208 20.25 11.16 15.16
CA PRO A 208 20.15 12.13 14.06
C PRO A 208 21.30 13.13 14.09
N SER A 209 21.95 13.29 12.93
CA SER A 209 22.92 14.34 12.71
C SER A 209 22.68 14.90 11.31
N TRP A 210 23.36 16.00 10.98
CA TRP A 210 23.20 16.62 9.68
C TRP A 210 24.54 16.84 9.01
N ASP A 211 24.68 16.33 7.78
CA ASP A 211 25.81 16.62 6.91
C ASP A 211 25.27 17.15 5.60
N ASN A 212 25.61 18.40 5.26
CA ASN A 212 25.01 19.04 4.10
C ASN A 212 25.32 18.29 2.81
N GLY A 213 26.58 17.85 2.65
CA GLY A 213 26.96 17.09 1.48
C GLY A 213 26.15 15.83 1.32
N LEU A 214 26.17 14.97 2.34
CA LEU A 214 25.45 13.69 2.25
C LEU A 214 23.95 13.91 2.12
N ALA A 215 23.41 14.97 2.72
CA ALA A 215 22.00 15.27 2.58
C ALA A 215 21.65 15.59 1.14
N GLY A 216 22.47 16.43 0.49
CA GLY A 216 22.27 16.70 -0.92
C GLY A 216 22.41 15.47 -1.78
N GLN A 217 23.30 14.55 -1.40
CA GLN A 217 23.48 13.32 -2.17
C GLN A 217 22.30 12.38 -2.01
N LEU A 218 21.81 12.23 -0.77
CA LEU A 218 20.62 11.41 -0.56
C LEU A 218 19.40 12.03 -1.21
N SER A 219 19.37 13.35 -1.34
CA SER A 219 18.26 14.03 -2.00
C SER A 219 18.12 13.61 -3.46
N LYS A 220 19.24 13.24 -4.11
CA LYS A 220 19.16 12.76 -5.48
C LYS A 220 18.29 11.52 -5.59
N PHE A 221 18.29 10.67 -4.57
CA PHE A 221 17.45 9.48 -4.59
C PHE A 221 15.99 9.79 -4.28
N THR A 222 15.74 10.83 -3.47
CA THR A 222 14.39 11.35 -3.34
C THR A 222 13.84 11.81 -4.68
N LEU A 223 14.67 12.50 -5.47
CA LEU A 223 14.21 13.03 -6.75
C LEU A 223 13.93 11.91 -7.75
N MET A 224 14.72 10.85 -7.72
CA MET A 224 14.40 9.69 -8.56
C MET A 224 13.10 9.03 -8.12
N ALA A 225 12.86 8.95 -6.81
CA ALA A 225 11.60 8.40 -6.32
C ALA A 225 10.42 9.25 -6.80
N LEU A 226 10.59 10.57 -6.79
CA LEU A 226 9.53 11.45 -7.27
C LEU A 226 9.27 11.23 -8.75
N ILE A 227 10.33 11.12 -9.55
CA ILE A 227 10.17 10.91 -10.99
C ILE A 227 9.50 9.58 -11.26
N THR A 228 9.90 8.53 -10.53
CA THR A 228 9.37 7.20 -10.79
C THR A 228 7.88 7.11 -10.48
N SER A 229 7.42 7.83 -9.45
CA SER A 229 6.02 7.79 -9.07
C SER A 229 5.10 8.50 -10.06
N VAL A 230 5.63 9.05 -11.16
CA VAL A 230 4.80 9.79 -12.10
C VAL A 230 4.84 9.15 -13.49
N THR A 231 6.05 9.03 -14.06
CA THR A 231 6.22 8.77 -15.49
C THR A 231 5.48 7.53 -15.98
N LEU A 232 5.90 6.35 -15.53
CA LEU A 232 5.27 5.12 -15.99
C LEU A 232 3.87 4.93 -15.43
N PRO A 233 3.60 5.29 -14.17
CA PRO A 233 2.19 5.31 -13.72
C PRO A 233 1.29 6.14 -14.63
N VAL A 234 1.73 7.34 -15.00
CA VAL A 234 1.03 8.13 -16.01
C VAL A 234 0.87 7.34 -17.30
N ALA A 235 1.91 6.60 -17.67
CA ALA A 235 1.87 5.85 -18.92
C ALA A 235 0.76 4.80 -18.91
N TYR A 236 0.67 4.04 -17.83
CA TYR A 236 -0.37 3.03 -17.72
C TYR A 236 -1.77 3.65 -17.56
N ILE A 237 -1.86 4.88 -17.05
CA ILE A 237 -3.16 5.51 -16.89
C ILE A 237 -3.78 5.82 -18.25
N MET A 238 -3.04 6.46 -19.14
CA MET A 238 -3.56 6.74 -20.46
C MET A 238 -3.42 5.56 -21.42
N MET A 239 -2.72 4.49 -21.00
CA MET A 239 -2.88 3.20 -21.67
C MET A 239 -4.27 2.63 -21.42
N ARG A 240 -4.73 2.70 -20.16
CA ARG A 240 -6.10 2.33 -19.85
C ARG A 240 -7.09 3.24 -20.56
N LYS A 241 -6.72 4.50 -20.78
CA LYS A 241 -7.56 5.42 -21.54
C LYS A 241 -7.77 4.91 -22.96
N LEU A 242 -6.68 4.55 -23.64
CA LEU A 242 -6.80 3.97 -24.98
C LEU A 242 -7.66 2.72 -24.97
N LEU A 243 -7.51 1.88 -23.94
CA LEU A 243 -8.29 0.65 -23.84
C LEU A 243 -9.79 0.95 -23.73
N ALA A 244 -10.17 1.83 -22.81
CA ALA A 244 -11.59 2.10 -22.61
C ALA A 244 -12.19 2.85 -23.79
N ALA A 245 -11.37 3.59 -24.54
CA ALA A 245 -11.89 4.41 -25.64
C ALA A 245 -12.49 3.55 -26.74
N GLN A 246 -11.98 2.33 -26.92
CA GLN A 246 -12.44 1.47 -28.01
C GLN A 246 -12.92 0.10 -27.55
N TYR A 247 -12.89 -0.19 -26.26
CA TYR A 247 -13.26 -1.50 -25.75
C TYR A 247 -14.05 -1.33 -24.46
N SER A 248 -14.56 -2.45 -23.95
CA SER A 248 -15.39 -2.45 -22.76
C SER A 248 -14.50 -2.36 -21.51
N TRP A 249 -15.15 -2.10 -20.37
CA TRP A 249 -14.46 -2.14 -19.09
C TRP A 249 -14.00 -3.55 -18.75
N ASP A 250 -14.66 -4.57 -19.29
CA ASP A 250 -14.25 -5.95 -19.07
C ASP A 250 -12.84 -6.17 -19.61
N GLU A 251 -12.60 -5.76 -20.87
CA GLU A 251 -11.26 -5.87 -21.44
C GLU A 251 -10.25 -5.05 -20.65
N VAL A 252 -10.67 -3.90 -20.14
CA VAL A 252 -9.79 -3.10 -19.29
C VAL A 252 -9.40 -3.89 -18.05
N GLY A 253 -10.37 -4.57 -17.45
CA GLY A 253 -10.08 -5.40 -16.28
C GLY A 253 -9.15 -6.54 -16.60
N ILE A 254 -9.30 -7.13 -17.80
CA ILE A 254 -8.41 -8.22 -18.21
C ILE A 254 -6.96 -7.74 -18.20
N TRP A 255 -6.72 -6.55 -18.77
CA TRP A 255 -5.36 -6.01 -18.85
C TRP A 255 -4.84 -5.60 -17.48
N GLN A 256 -5.67 -4.90 -16.70
CA GLN A 256 -5.26 -4.46 -15.37
C GLN A 256 -4.91 -5.64 -14.47
N GLY A 257 -5.67 -6.73 -14.56
CA GLY A 257 -5.32 -7.92 -13.81
C GLY A 257 -3.97 -8.49 -14.20
N VAL A 258 -3.68 -8.58 -15.50
CA VAL A 258 -2.39 -9.07 -15.96
C VAL A 258 -1.27 -8.16 -15.46
N SER A 259 -1.42 -6.85 -15.63
CA SER A 259 -0.37 -5.92 -15.28
C SER A 259 -0.06 -5.96 -13.78
N SER A 260 -1.11 -5.95 -12.96
CA SER A 260 -0.90 -5.91 -11.51
C SER A 260 -0.25 -7.20 -11.02
N ILE A 261 -0.66 -8.35 -11.55
CA ILE A 261 -0.03 -9.61 -11.14
C ILE A 261 1.36 -9.74 -11.74
N SER A 262 1.59 -9.16 -12.92
CA SER A 262 2.92 -9.20 -13.52
C SER A 262 3.89 -8.30 -12.76
N ASP A 263 3.40 -7.15 -12.28
CA ASP A 263 4.23 -6.27 -11.45
C ASP A 263 4.61 -6.96 -10.15
N ALA A 264 3.67 -7.65 -9.51
CA ALA A 264 3.99 -8.42 -8.31
C ALA A 264 4.99 -9.52 -8.61
N TYR A 265 4.87 -10.14 -9.79
CA TYR A 265 5.85 -11.14 -10.20
C TYR A 265 7.22 -10.52 -10.36
N LEU A 266 7.29 -9.31 -10.94
CA LEU A 266 8.56 -8.63 -11.12
C LEU A 266 9.18 -8.25 -9.77
N GLN A 267 8.36 -7.75 -8.84
CA GLN A 267 8.87 -7.37 -7.53
C GLN A 267 9.44 -8.56 -6.78
N PHE A 268 8.80 -9.73 -6.92
CA PHE A 268 9.31 -10.92 -6.26
C PHE A 268 10.63 -11.37 -6.88
N ILE A 269 10.74 -11.27 -8.20
CA ILE A 269 11.89 -11.84 -8.90
C ILE A 269 13.13 -10.98 -8.72
N THR A 270 12.98 -9.66 -8.68
CA THR A 270 14.11 -8.74 -8.60
C THR A 270 14.31 -8.18 -7.19
N ALA A 271 13.68 -8.78 -6.18
CA ALA A 271 13.77 -8.24 -4.83
C ALA A 271 15.19 -8.29 -4.29
N SER A 272 16.00 -9.27 -4.73
CA SER A 272 17.39 -9.37 -4.30
C SER A 272 18.32 -8.40 -5.02
N PHE A 273 17.82 -7.64 -6.00
CA PHE A 273 18.67 -6.67 -6.69
C PHE A 273 19.14 -5.58 -5.73
N SER A 274 18.21 -5.02 -4.95
CA SER A 274 18.59 -3.99 -3.99
C SER A 274 19.37 -4.58 -2.81
N VAL A 275 19.25 -5.88 -2.58
CA VAL A 275 19.94 -6.51 -1.46
C VAL A 275 21.39 -6.78 -1.80
N TYR A 276 21.67 -7.23 -3.03
CA TYR A 276 23.03 -7.55 -3.45
C TYR A 276 23.54 -6.64 -4.56
N LEU A 277 22.79 -6.51 -5.66
CA LEU A 277 23.32 -5.86 -6.85
C LEU A 277 23.62 -4.38 -6.60
N LEU A 278 22.70 -3.67 -5.96
CA LEU A 278 22.89 -2.25 -5.71
C LEU A 278 24.11 -1.98 -4.81
N PRO A 279 24.27 -2.60 -3.64
CA PRO A 279 25.48 -2.32 -2.85
C PRO A 279 26.77 -2.76 -3.52
N THR A 280 26.76 -3.89 -4.23
CA THR A 280 27.97 -4.37 -4.89
C THR A 280 28.44 -3.38 -5.95
N LEU A 281 27.54 -2.99 -6.86
CA LEU A 281 27.90 -2.03 -7.90
C LEU A 281 28.25 -0.66 -7.32
N SER A 282 27.75 -0.33 -6.14
CA SER A 282 28.11 0.93 -5.51
C SER A 282 29.59 0.98 -5.15
N ARG A 283 30.14 -0.16 -4.69
CA ARG A 283 31.52 -0.19 -4.25
C ARG A 283 32.49 -0.18 -5.42
N LEU A 284 32.06 -0.69 -6.58
CA LEU A 284 32.94 -0.82 -7.74
C LEU A 284 32.91 0.46 -8.56
N THR A 285 34.08 0.90 -9.00
CA THR A 285 34.17 2.15 -9.74
C THR A 285 34.89 1.94 -11.07
N GLU A 286 35.78 0.96 -11.12
CA GLU A 286 36.50 0.69 -12.37
C GLU A 286 35.56 0.02 -13.37
N LYS A 287 35.71 0.40 -14.63
CA LYS A 287 34.82 -0.09 -15.68
C LYS A 287 34.97 -1.59 -15.90
N ARG A 288 36.19 -2.12 -15.75
CA ARG A 288 36.39 -3.55 -15.88
C ARG A 288 35.63 -4.31 -14.78
N ASP A 289 35.71 -3.82 -13.55
CA ASP A 289 35.03 -4.49 -12.44
C ASP A 289 33.51 -4.40 -12.58
N ILE A 290 33.00 -3.25 -13.03
CA ILE A 290 31.57 -3.09 -13.21
C ILE A 290 31.06 -4.03 -14.31
N THR A 291 31.76 -4.07 -15.43
CA THR A 291 31.38 -4.96 -16.53
C THR A 291 31.33 -6.42 -16.08
N ARG A 292 32.38 -6.85 -15.36
CA ARG A 292 32.42 -8.23 -14.87
C ARG A 292 31.20 -8.56 -14.02
N GLU A 293 30.80 -7.64 -13.14
CA GLU A 293 29.68 -7.90 -12.26
C GLU A 293 28.36 -7.85 -13.03
N VAL A 294 28.22 -6.92 -13.96
CA VAL A 294 27.01 -6.82 -14.78
C VAL A 294 26.86 -8.08 -15.65
N VAL A 295 27.95 -8.48 -16.30
CA VAL A 295 27.91 -9.69 -17.14
C VAL A 295 27.55 -10.92 -16.31
N LYS A 296 28.20 -11.06 -15.15
CA LYS A 296 27.92 -12.22 -14.29
C LYS A 296 26.47 -12.24 -13.83
N SER A 297 25.93 -11.07 -13.48
CA SER A 297 24.54 -10.98 -13.06
C SER A 297 23.59 -11.37 -14.19
N LEU A 298 23.81 -10.80 -15.39
CA LEU A 298 22.94 -11.11 -16.52
C LEU A 298 23.02 -12.60 -16.89
N LYS A 299 24.20 -13.20 -16.78
CA LYS A 299 24.34 -14.62 -17.10
C LYS A 299 23.57 -15.50 -16.13
N PHE A 300 23.28 -15.01 -14.93
CA PHE A 300 22.52 -15.76 -13.94
C PHE A 300 21.03 -15.45 -13.98
N VAL A 301 20.66 -14.18 -14.11
CA VAL A 301 19.28 -13.79 -13.91
C VAL A 301 18.45 -14.08 -15.15
N LEU A 302 19.01 -13.91 -16.36
CA LEU A 302 18.23 -14.14 -17.57
C LEU A 302 17.80 -15.59 -17.73
N PRO A 303 18.68 -16.60 -17.57
CA PRO A 303 18.20 -17.98 -17.66
C PRO A 303 17.28 -18.36 -16.51
N ALA A 304 17.49 -17.80 -15.31
CA ALA A 304 16.65 -18.13 -14.18
C ALA A 304 15.23 -17.59 -14.36
N VAL A 305 15.12 -16.33 -14.79
CA VAL A 305 13.80 -15.74 -14.98
C VAL A 305 13.09 -16.35 -16.19
N ALA A 306 13.85 -16.69 -17.24
CA ALA A 306 13.25 -17.34 -18.40
C ALA A 306 12.69 -18.70 -18.04
N ALA A 307 13.45 -19.50 -17.30
CA ALA A 307 12.95 -20.80 -16.85
C ALA A 307 11.73 -20.62 -15.96
N ALA A 308 11.76 -19.68 -15.03
CA ALA A 308 10.63 -19.45 -14.14
C ALA A 308 9.41 -18.95 -14.92
N SER A 309 9.62 -18.03 -15.87
CA SER A 309 8.51 -17.47 -16.61
C SER A 309 7.90 -18.47 -17.58
N PHE A 310 8.73 -19.36 -18.13
CA PHE A 310 8.20 -20.44 -18.97
C PHE A 310 7.33 -21.38 -18.17
N THR A 311 7.75 -21.71 -16.95
CA THR A 311 6.94 -22.54 -16.06
C THR A 311 5.60 -21.88 -15.77
N VAL A 312 5.62 -20.56 -15.49
CA VAL A 312 4.39 -19.83 -15.20
C VAL A 312 3.45 -19.89 -16.40
N TRP A 313 3.99 -19.68 -17.60
CA TRP A 313 3.14 -19.72 -18.80
C TRP A 313 2.53 -21.10 -19.00
N LEU A 314 3.29 -22.15 -18.70
CA LEU A 314 2.74 -23.51 -18.80
C LEU A 314 1.57 -23.70 -17.85
N LEU A 315 1.65 -23.07 -16.67
CA LEU A 315 0.62 -23.19 -15.65
C LEU A 315 -0.22 -21.91 -15.54
N ARG A 316 -0.38 -21.19 -16.65
CA ARG A 316 -1.13 -19.93 -16.60
C ARG A 316 -2.57 -20.13 -16.15
N ASP A 317 -3.18 -21.27 -16.52
CA ASP A 317 -4.53 -21.54 -16.06
C ASP A 317 -4.58 -21.81 -14.56
N PHE A 318 -3.57 -22.50 -14.03
CA PHE A 318 -3.50 -22.69 -12.58
C PHE A 318 -3.20 -21.38 -11.86
N ALA A 319 -2.30 -20.56 -12.43
CA ALA A 319 -1.97 -19.28 -11.81
C ALA A 319 -3.19 -18.36 -11.77
N ILE A 320 -4.01 -18.37 -12.83
CA ILE A 320 -5.22 -17.56 -12.84
C ILE A 320 -6.23 -18.08 -11.82
N TRP A 321 -6.45 -19.40 -11.79
CA TRP A 321 -7.42 -19.97 -10.85
C TRP A 321 -7.01 -19.76 -9.39
N LEU A 322 -5.72 -19.73 -9.11
CA LEU A 322 -5.26 -19.62 -7.72
C LEU A 322 -5.12 -18.18 -7.25
N LEU A 323 -4.53 -17.31 -8.08
CA LEU A 323 -4.13 -15.98 -7.61
C LEU A 323 -5.20 -14.90 -7.80
N LEU A 324 -6.15 -15.10 -8.71
CA LEU A 324 -7.08 -14.04 -9.07
C LEU A 324 -8.51 -14.55 -8.97
N SER A 325 -9.46 -13.63 -8.80
CA SER A 325 -10.86 -14.03 -8.78
C SER A 325 -11.30 -14.49 -10.16
N ASN A 326 -12.03 -15.59 -10.22
CA ASN A 326 -12.46 -16.11 -11.52
C ASN A 326 -13.58 -15.29 -12.12
N LYS A 327 -13.26 -14.08 -12.54
CA LYS A 327 -14.26 -13.21 -13.17
C LYS A 327 -13.77 -12.89 -14.55
N PHE A 328 -12.62 -13.45 -14.91
CA PHE A 328 -12.01 -13.21 -16.20
C PHE A 328 -10.90 -14.25 -16.39
N THR A 329 -10.99 -14.97 -17.50
CA THR A 329 -10.15 -16.12 -17.83
C THR A 329 -9.64 -16.08 -19.27
N ALA A 330 -9.78 -14.95 -19.95
CA ALA A 330 -9.24 -14.78 -21.29
C ALA A 330 -7.87 -14.15 -21.26
N MET A 331 -7.37 -13.78 -20.08
CA MET A 331 -6.04 -13.20 -19.99
C MET A 331 -4.97 -14.25 -20.26
N ARG A 332 -5.34 -15.53 -20.41
CA ARG A 332 -4.34 -16.55 -20.62
C ARG A 332 -3.55 -16.27 -21.88
N ASP A 333 -4.23 -15.73 -22.90
CA ASP A 333 -3.57 -15.38 -24.15
C ASP A 333 -2.60 -14.22 -23.96
N LEU A 334 -2.79 -13.42 -22.90
CA LEU A 334 -1.90 -12.31 -22.60
C LEU A 334 -0.64 -12.73 -21.85
N PHE A 335 -0.61 -13.95 -21.30
CA PHE A 335 0.49 -14.34 -20.43
C PHE A 335 1.80 -14.41 -21.20
N ALA A 336 1.78 -15.06 -22.37
CA ALA A 336 2.99 -15.28 -23.14
C ALA A 336 3.70 -13.96 -23.44
N TRP A 337 3.00 -13.03 -24.09
CA TRP A 337 3.58 -11.74 -24.41
C TRP A 337 4.10 -11.03 -23.16
N GLN A 338 3.26 -10.94 -22.12
CA GLN A 338 3.66 -10.26 -20.89
C GLN A 338 4.89 -10.90 -20.25
N LEU A 339 4.94 -12.24 -20.22
CA LEU A 339 6.05 -12.92 -19.58
C LEU A 339 7.36 -12.71 -20.34
N VAL A 340 7.30 -12.66 -21.67
CA VAL A 340 8.50 -12.36 -22.44
C VAL A 340 9.00 -10.97 -22.12
N GLY A 341 8.10 -9.98 -22.11
CA GLY A 341 8.47 -8.64 -21.70
C GLY A 341 9.07 -8.59 -20.30
N ASP A 342 8.55 -9.42 -19.39
CA ASP A 342 9.08 -9.45 -18.02
C ASP A 342 10.51 -9.94 -17.99
N VAL A 343 10.85 -10.96 -18.79
CA VAL A 343 12.21 -11.49 -18.82
C VAL A 343 13.18 -10.40 -19.24
N LEU A 344 12.88 -9.70 -20.34
CA LEU A 344 13.75 -8.63 -20.81
C LEU A 344 13.74 -7.43 -19.85
N LYS A 345 12.63 -7.19 -19.16
CA LYS A 345 12.60 -6.11 -18.19
C LYS A 345 13.52 -6.41 -17.00
N VAL A 346 13.54 -7.67 -16.56
CA VAL A 346 14.47 -8.09 -15.52
C VAL A 346 15.91 -7.85 -15.97
N GLY A 347 16.23 -8.22 -17.21
CA GLY A 347 17.54 -7.92 -17.75
C GLY A 347 17.82 -6.42 -17.76
N ALA A 348 16.81 -5.61 -18.08
CA ALA A 348 16.98 -4.17 -18.07
C ALA A 348 17.14 -3.62 -16.66
N TYR A 349 16.61 -4.32 -15.64
CA TYR A 349 16.78 -3.89 -14.26
C TYR A 349 18.25 -3.92 -13.85
N VAL A 350 19.03 -4.85 -14.39
CA VAL A 350 20.44 -4.95 -14.06
C VAL A 350 21.16 -3.65 -14.39
N PHE A 351 20.90 -3.11 -15.58
CA PHE A 351 21.45 -1.81 -15.93
C PHE A 351 20.83 -0.69 -15.11
N GLY A 352 19.54 -0.81 -14.77
CA GLY A 352 18.90 0.24 -13.99
C GLY A 352 19.48 0.37 -12.59
N TYR A 353 19.77 -0.75 -11.94
CA TYR A 353 20.37 -0.69 -10.62
C TYR A 353 21.81 -0.19 -10.66
N LEU A 354 22.49 -0.37 -11.78
CA LEU A 354 23.80 0.26 -11.96
C LEU A 354 23.67 1.79 -11.90
N VAL A 355 22.68 2.34 -12.59
CA VAL A 355 22.43 3.78 -12.54
C VAL A 355 22.15 4.22 -11.09
N ILE A 356 21.33 3.44 -10.36
CA ILE A 356 21.11 3.70 -8.95
C ILE A 356 22.42 3.66 -8.18
N ALA A 357 23.22 2.62 -8.44
CA ALA A 357 24.46 2.44 -7.69
C ALA A 357 25.44 3.58 -7.92
N LYS A 358 25.39 4.22 -9.10
CA LYS A 358 26.23 5.36 -9.38
C LYS A 358 25.54 6.69 -9.08
N ALA A 359 24.32 6.64 -8.52
CA ALA A 359 23.56 7.84 -8.17
C ALA A 359 23.42 8.80 -9.35
N SER A 360 23.40 8.26 -10.57
CA SER A 360 23.33 9.09 -11.76
C SER A 360 21.88 9.52 -11.97
N LEU A 361 21.54 10.72 -11.48
CA LEU A 361 20.23 11.28 -11.71
C LEU A 361 19.96 11.48 -13.20
N ARG A 362 20.99 11.84 -13.97
CA ARG A 362 20.79 12.11 -15.39
C ARG A 362 20.46 10.85 -16.17
N PHE A 363 21.19 9.75 -15.90
CA PHE A 363 20.88 8.50 -16.59
C PHE A 363 19.56 7.91 -16.12
N TYR A 364 19.19 8.17 -14.86
CA TYR A 364 17.90 7.72 -14.37
C TYR A 364 16.76 8.37 -15.14
N ILE A 365 16.85 9.68 -15.36
CA ILE A 365 15.83 10.37 -16.15
C ILE A 365 15.77 9.80 -17.57
N LEU A 366 16.93 9.57 -18.19
CA LEU A 366 16.95 9.07 -19.56
C LEU A 366 16.38 7.66 -19.64
N ALA A 367 16.68 6.82 -18.65
CA ALA A 367 16.11 5.47 -18.63
C ALA A 367 14.60 5.52 -18.49
N GLU A 368 14.09 6.42 -17.66
CA GLU A 368 12.66 6.52 -17.41
C GLU A 368 11.93 7.07 -18.64
N VAL A 369 12.47 8.14 -19.23
CA VAL A 369 11.86 8.73 -20.43
C VAL A 369 11.90 7.74 -21.58
N SER A 370 12.97 6.96 -21.70
CA SER A 370 13.03 5.95 -22.75
C SER A 370 11.90 4.93 -22.61
N GLN A 371 11.69 4.44 -21.38
CA GLN A 371 10.62 3.47 -21.16
C GLN A 371 9.25 4.08 -21.42
N PHE A 372 9.04 5.31 -21.00
CA PHE A 372 7.74 5.96 -21.20
C PHE A 372 7.41 6.11 -22.67
N THR A 373 8.35 6.68 -23.44
CA THR A 373 8.11 6.95 -24.85
C THR A 373 7.90 5.67 -25.64
N LEU A 374 8.74 4.66 -25.39
CA LEU A 374 8.59 3.37 -26.06
C LEU A 374 7.24 2.75 -25.75
N LEU A 375 6.85 2.75 -24.47
CA LEU A 375 5.53 2.23 -24.09
C LEU A 375 4.43 2.96 -24.85
N MET A 376 4.58 4.27 -25.05
CA MET A 376 3.54 5.05 -25.72
C MET A 376 3.48 4.78 -27.21
N VAL A 377 4.64 4.65 -27.87
CA VAL A 377 4.64 4.36 -29.30
C VAL A 377 3.96 3.03 -29.57
N PHE A 378 4.27 2.02 -28.76
CA PHE A 378 3.75 0.68 -29.00
C PHE A 378 2.28 0.57 -28.59
N ALA A 379 1.90 1.19 -27.47
CA ALA A 379 0.51 1.16 -27.04
C ALA A 379 -0.40 1.86 -28.03
N HIS A 380 0.00 3.06 -28.47
CA HIS A 380 -0.79 3.80 -29.44
C HIS A 380 -0.96 3.03 -30.75
N TRP A 381 -0.04 2.12 -31.06
CA TRP A 381 -0.14 1.30 -32.25
C TRP A 381 -0.99 0.06 -32.03
N LEU A 382 -0.71 -0.70 -30.97
CA LEU A 382 -1.26 -2.04 -30.84
C LEU A 382 -2.55 -2.11 -30.05
N ILE A 383 -2.77 -1.18 -29.11
CA ILE A 383 -3.98 -1.23 -28.27
C ILE A 383 -5.22 -0.97 -29.12
N PRO A 384 -5.26 0.07 -29.97
CA PRO A 384 -6.50 0.30 -30.74
C PRO A 384 -6.87 -0.83 -31.68
N ALA A 385 -5.93 -1.71 -32.03
CA ALA A 385 -6.22 -2.81 -32.93
C ALA A 385 -6.48 -4.14 -32.22
N HIS A 386 -5.84 -4.37 -31.07
CA HIS A 386 -5.91 -5.69 -30.43
C HIS A 386 -6.29 -5.62 -28.96
N GLY A 387 -6.72 -4.46 -28.45
CA GLY A 387 -7.26 -4.41 -27.10
C GLY A 387 -6.24 -4.83 -26.07
N ALA A 388 -6.71 -5.60 -25.08
CA ALA A 388 -5.84 -6.00 -23.98
C ALA A 388 -4.67 -6.85 -24.46
N LEU A 389 -4.89 -7.66 -25.51
CA LEU A 389 -3.79 -8.40 -26.09
C LEU A 389 -2.75 -7.46 -26.69
N GLY A 390 -3.21 -6.39 -27.34
CA GLY A 390 -2.28 -5.39 -27.84
C GLY A 390 -1.51 -4.70 -26.72
N ALA A 391 -2.18 -4.44 -25.60
CA ALA A 391 -1.49 -3.85 -24.46
C ALA A 391 -0.38 -4.75 -23.94
N ALA A 392 -0.61 -6.06 -23.93
CA ALA A 392 0.44 -6.99 -23.54
C ALA A 392 1.53 -7.05 -24.60
N GLN A 393 1.16 -7.02 -25.88
CA GLN A 393 2.15 -6.97 -26.95
C GLN A 393 2.96 -5.68 -26.89
N ALA A 394 2.30 -4.55 -26.62
CA ALA A 394 3.02 -3.29 -26.51
C ALA A 394 4.03 -3.32 -25.37
N TYR A 395 3.62 -3.87 -24.22
CA TYR A 395 4.53 -4.01 -23.09
C TYR A 395 5.73 -4.87 -23.45
N MET A 396 5.51 -5.98 -24.15
CA MET A 396 6.62 -6.86 -24.53
C MET A 396 7.55 -6.18 -25.52
N ALA A 397 6.98 -5.61 -26.59
CA ALA A 397 7.80 -4.91 -27.58
C ALA A 397 8.58 -3.77 -26.95
N THR A 398 7.97 -3.07 -25.99
CA THR A 398 8.64 -1.95 -25.34
C THR A 398 9.96 -2.37 -24.69
N TYR A 399 9.94 -3.49 -23.99
CA TYR A 399 11.13 -3.89 -23.24
C TYR A 399 12.08 -4.77 -24.04
N ILE A 400 11.63 -5.32 -25.18
CA ILE A 400 12.57 -5.84 -26.16
C ILE A 400 13.49 -4.72 -26.65
N VAL A 401 12.90 -3.62 -27.10
CA VAL A 401 13.68 -2.48 -27.59
C VAL A 401 14.47 -1.84 -26.45
N TYR A 402 13.88 -1.75 -25.26
CA TYR A 402 14.54 -1.05 -24.16
C TYR A 402 15.77 -1.80 -23.67
N PHE A 403 15.67 -3.13 -23.53
CA PHE A 403 16.85 -3.91 -23.14
C PHE A 403 17.97 -3.78 -24.16
N SER A 404 17.62 -3.87 -25.45
CA SER A 404 18.63 -3.66 -26.50
C SER A 404 19.25 -2.28 -26.38
N LEU A 405 18.42 -1.25 -26.18
CA LEU A 405 18.94 0.10 -25.98
C LEU A 405 19.86 0.17 -24.76
N CYS A 406 19.47 -0.51 -23.67
CA CYS A 406 20.32 -0.54 -22.48
C CYS A 406 21.68 -1.13 -22.78
N CYS A 407 21.71 -2.24 -23.52
CA CYS A 407 22.99 -2.85 -23.91
C CYS A 407 23.83 -1.88 -24.73
N GLY A 408 23.23 -1.28 -25.75
CA GLY A 408 23.97 -0.37 -26.60
C GLY A 408 24.50 0.83 -25.84
N VAL A 409 23.69 1.41 -24.96
CA VAL A 409 24.15 2.56 -24.19
C VAL A 409 25.23 2.15 -23.20
N PHE A 410 25.12 0.95 -22.64
CA PHE A 410 26.18 0.45 -21.76
C PHE A 410 27.48 0.26 -22.52
N LEU A 411 27.40 -0.27 -23.74
CA LEU A 411 28.61 -0.46 -24.54
C LEU A 411 29.28 0.87 -24.87
N LEU A 412 28.47 1.89 -25.20
CA LEU A 412 29.03 3.21 -25.47
C LEU A 412 29.67 3.80 -24.22
N TRP A 413 29.04 3.59 -23.06
CA TRP A 413 29.60 4.10 -21.81
C TRP A 413 30.85 3.34 -21.40
N ARG A 414 30.84 2.01 -21.52
CA ARG A 414 31.97 1.20 -21.12
C ARG A 414 33.20 1.48 -21.99
N ARG A 415 32.97 1.72 -23.27
CA ARG A 415 34.03 2.06 -24.20
C ARG A 415 34.39 3.54 -24.22
N ARG A 416 33.69 4.37 -23.44
CA ARG A 416 33.98 5.81 -23.29
C ARG A 416 33.88 6.53 -24.63
N ALA A 417 32.69 6.43 -25.23
CA ALA A 417 32.47 6.99 -26.57
C ALA A 417 32.53 8.50 -26.57
N LEU A 418 32.19 9.12 -25.44
CA LEU A 418 32.16 10.58 -25.33
C LEU A 418 33.48 11.19 -24.91
N GLU A 419 34.52 10.39 -24.67
CA GLU A 419 35.80 10.93 -24.24
C GLU A 419 36.79 10.95 -25.41
N GLN B 5 -31.11 2.33 1.25
CA GLN B 5 -31.39 1.20 2.13
C GLN B 5 -31.99 1.62 3.46
N LEU B 6 -31.77 2.88 3.84
CA LEU B 6 -32.27 3.42 5.11
C LEU B 6 -32.93 4.77 4.87
N VAL B 7 -34.10 4.96 5.48
CA VAL B 7 -34.83 6.22 5.41
C VAL B 7 -35.27 6.60 6.81
N GLU B 8 -35.21 7.89 7.12
CA GLU B 8 -35.46 8.41 8.46
C GLU B 8 -36.77 9.18 8.49
N SER B 9 -37.37 9.23 9.68
CA SER B 9 -38.60 9.98 9.88
C SER B 9 -38.62 10.53 11.30
N GLY B 10 -39.36 11.62 11.50
CA GLY B 10 -39.41 12.27 12.79
C GLY B 10 -38.41 13.41 12.89
N GLY B 11 -38.46 14.09 14.05
CA GLY B 11 -37.56 15.18 14.33
C GLY B 11 -38.09 16.53 13.87
N GLY B 12 -37.35 17.57 14.25
CA GLY B 12 -37.72 18.94 13.97
C GLY B 12 -37.38 19.82 15.15
N LEU B 13 -37.93 21.03 15.13
CA LEU B 13 -37.75 22.00 16.21
C LEU B 13 -38.60 21.60 17.41
N VAL B 14 -37.95 21.33 18.55
CA VAL B 14 -38.62 20.91 19.76
C VAL B 14 -38.16 21.80 20.90
N GLN B 15 -39.08 22.10 21.82
CA GLN B 15 -38.76 22.89 23.00
C GLN B 15 -37.89 22.07 23.94
N ALA B 16 -36.92 22.74 24.57
CA ALA B 16 -36.05 22.06 25.52
C ALA B 16 -36.85 21.45 26.66
N GLY B 17 -36.59 20.17 26.93
CA GLY B 17 -37.31 19.40 27.92
C GLY B 17 -38.38 18.48 27.35
N GLY B 18 -38.86 18.76 26.13
CA GLY B 18 -39.88 17.92 25.53
C GLY B 18 -39.31 16.63 24.94
N SER B 19 -40.19 15.66 24.75
CA SER B 19 -39.81 14.38 24.19
C SER B 19 -39.82 14.43 22.67
N LEU B 20 -39.20 13.41 22.06
CA LEU B 20 -39.14 13.32 20.61
C LEU B 20 -38.93 11.85 20.25
N GLY B 21 -39.55 11.42 19.15
CA GLY B 21 -39.41 10.05 18.68
C GLY B 21 -38.95 9.95 17.25
N LEU B 22 -37.74 9.42 17.04
CA LEU B 22 -37.21 9.16 15.71
C LEU B 22 -37.42 7.69 15.32
N SER B 23 -37.63 7.47 14.02
CA SER B 23 -37.80 6.14 13.48
C SER B 23 -37.03 6.03 12.18
N CYS B 24 -36.57 4.83 11.88
CA CYS B 24 -35.78 4.55 10.68
C CYS B 24 -36.27 3.25 10.06
N ALA B 25 -36.60 3.31 8.77
CA ALA B 25 -37.06 2.14 8.04
C ALA B 25 -35.95 1.63 7.13
N ALA B 26 -35.91 0.31 6.95
CA ALA B 26 -34.88 -0.34 6.15
C ALA B 26 -35.52 -1.21 5.09
N SER B 27 -34.90 -1.23 3.91
CA SER B 27 -35.37 -2.05 2.80
C SER B 27 -34.63 -3.38 2.83
N GLY B 28 -34.58 -4.08 1.70
CA GLY B 28 -33.84 -5.32 1.61
C GLY B 28 -34.62 -6.53 2.05
N ARG B 29 -33.92 -7.49 2.67
CA ARG B 29 -34.54 -8.74 3.10
C ARG B 29 -34.01 -9.15 4.46
N THR B 30 -32.73 -9.54 4.51
CA THR B 30 -32.07 -9.90 5.75
C THR B 30 -31.91 -8.65 6.60
N PHE B 31 -32.71 -8.53 7.66
CA PHE B 31 -32.66 -7.38 8.54
C PHE B 31 -32.30 -7.75 9.97
N SER B 32 -32.78 -8.90 10.45
CA SER B 32 -32.49 -9.33 11.82
C SER B 32 -31.02 -9.66 12.05
N ASN B 33 -30.19 -9.71 11.00
CA ASN B 33 -28.78 -9.99 11.13
C ASN B 33 -27.92 -8.72 11.10
N TYR B 34 -28.53 -7.56 10.91
CA TYR B 34 -27.82 -6.29 10.86
C TYR B 34 -27.87 -5.65 12.24
N VAL B 35 -26.71 -5.24 12.76
CA VAL B 35 -26.70 -4.41 13.95
C VAL B 35 -27.15 -3.00 13.57
N MET B 36 -28.03 -2.43 14.40
CA MET B 36 -28.62 -1.14 14.13
C MET B 36 -28.10 -0.12 15.14
N ALA B 37 -27.93 1.12 14.69
CA ALA B 37 -27.33 2.14 15.54
C ALA B 37 -27.83 3.52 15.12
N TRP B 38 -27.77 4.45 16.07
CA TRP B 38 -28.02 5.86 15.83
C TRP B 38 -26.74 6.64 16.01
N PHE B 39 -26.46 7.53 15.07
CA PHE B 39 -25.37 8.49 15.20
C PHE B 39 -25.92 9.90 15.03
N ARG B 40 -25.17 10.88 15.50
CA ARG B 40 -25.56 12.27 15.33
C ARG B 40 -24.32 13.10 15.01
N GLN B 41 -24.54 14.21 14.30
CA GLN B 41 -23.48 15.10 13.88
C GLN B 41 -23.97 16.54 14.04
N ALA B 42 -23.37 17.27 14.99
CA ALA B 42 -23.74 18.65 15.24
C ALA B 42 -22.96 19.59 14.32
N PRO B 43 -23.51 20.78 14.03
CA PRO B 43 -22.78 21.73 13.17
C PRO B 43 -21.47 22.19 13.78
N GLY B 44 -20.36 21.76 13.17
CA GLY B 44 -19.03 22.09 13.65
C GLY B 44 -18.25 20.93 14.22
N LYS B 45 -18.87 19.78 14.44
CA LYS B 45 -18.21 18.60 14.98
C LYS B 45 -18.39 17.43 14.01
N GLU B 46 -17.89 16.26 14.41
CA GLU B 46 -17.95 15.06 13.58
C GLU B 46 -19.05 14.14 14.09
N ARG B 47 -19.25 13.05 13.36
CA ARG B 47 -20.26 12.06 13.71
C ARG B 47 -19.90 11.41 15.04
N GLU B 48 -20.80 11.47 16.01
CA GLU B 48 -20.62 10.85 17.31
C GLU B 48 -21.67 9.76 17.53
N PHE B 49 -21.28 8.74 18.27
CA PHE B 49 -22.18 7.64 18.58
C PHE B 49 -23.29 8.10 19.52
N VAL B 50 -24.48 7.54 19.34
CA VAL B 50 -25.63 7.88 20.17
C VAL B 50 -26.15 6.61 20.84
N ALA B 51 -26.60 5.65 20.05
CA ALA B 51 -27.17 4.42 20.58
C ALA B 51 -27.01 3.31 19.55
N ARG B 52 -27.06 2.07 20.02
CA ARG B 52 -26.90 0.91 19.16
C ARG B 52 -27.68 -0.26 19.74
N ILE B 53 -28.41 -0.97 18.89
CA ILE B 53 -29.09 -2.20 19.24
C ILE B 53 -28.52 -3.32 18.41
N SER B 54 -28.35 -4.48 19.02
CA SER B 54 -27.67 -5.59 18.36
C SER B 54 -28.64 -6.35 17.46
N GLU B 55 -28.11 -7.35 16.76
CA GLU B 55 -28.89 -8.19 15.86
C GLU B 55 -29.31 -9.51 16.50
N SER B 56 -28.83 -9.81 17.70
CA SER B 56 -29.05 -11.11 18.30
C SER B 56 -29.89 -10.97 19.56
N ARG B 57 -29.24 -10.85 20.72
CA ARG B 57 -29.95 -10.84 22.00
C ARG B 57 -30.72 -9.55 22.25
N GLY B 58 -30.73 -8.61 21.30
CA GLY B 58 -31.38 -7.34 21.53
C GLY B 58 -30.65 -6.43 22.49
N THR B 59 -29.35 -6.62 22.68
CA THR B 59 -28.58 -5.80 23.60
C THR B 59 -28.50 -4.37 23.09
N THR B 60 -28.33 -3.43 24.02
CA THR B 60 -28.29 -2.02 23.70
C THR B 60 -27.02 -1.39 24.26
N ASP B 61 -26.58 -0.32 23.60
CA ASP B 61 -25.44 0.47 24.03
C ASP B 61 -25.77 1.94 23.83
N TYR B 62 -25.35 2.77 24.78
CA TYR B 62 -25.67 4.19 24.74
C TYR B 62 -24.45 5.01 25.11
N ALA B 63 -24.27 6.11 24.38
CA ALA B 63 -23.29 7.12 24.79
C ALA B 63 -23.68 7.69 26.15
N ASP B 64 -22.65 8.05 26.92
CA ASP B 64 -22.88 8.54 28.27
C ASP B 64 -23.74 9.79 28.31
N SER B 65 -23.84 10.52 27.20
CA SER B 65 -24.64 11.74 27.17
C SER B 65 -26.13 11.47 27.05
N VAL B 66 -26.52 10.30 26.54
CA VAL B 66 -27.93 9.98 26.34
C VAL B 66 -28.40 8.81 27.19
N LYS B 67 -27.52 8.20 27.98
CA LYS B 67 -27.95 7.07 28.80
C LYS B 67 -28.96 7.54 29.85
N GLY B 68 -30.03 6.78 29.99
CA GLY B 68 -31.14 7.15 30.85
C GLY B 68 -32.12 8.11 30.20
N ARG B 69 -31.63 8.95 29.29
CA ARG B 69 -32.51 9.88 28.58
C ARG B 69 -33.02 9.31 27.25
N PHE B 70 -32.14 8.63 26.50
CA PHE B 70 -32.49 8.09 25.20
C PHE B 70 -32.65 6.57 25.29
N THR B 71 -33.57 6.03 24.50
CA THR B 71 -33.82 4.60 24.46
C THR B 71 -33.99 4.17 23.01
N ILE B 72 -33.18 3.22 22.57
CA ILE B 72 -33.26 2.67 21.21
C ILE B 72 -33.96 1.32 21.28
N SER B 73 -34.79 1.05 20.27
CA SER B 73 -35.51 -0.21 20.18
C SER B 73 -35.63 -0.59 18.71
N ARG B 74 -35.96 -1.85 18.46
CA ARG B 74 -36.11 -2.34 17.10
C ARG B 74 -37.30 -3.27 17.00
N ASP B 75 -37.87 -3.36 15.80
CA ASP B 75 -38.96 -4.28 15.49
C ASP B 75 -38.62 -5.00 14.20
N ASN B 76 -38.23 -6.27 14.30
CA ASN B 76 -37.88 -7.04 13.11
C ASN B 76 -39.09 -7.46 12.29
N ALA B 77 -40.31 -7.19 12.77
CA ALA B 77 -41.50 -7.50 11.97
C ALA B 77 -41.65 -6.52 10.81
N LYS B 78 -41.45 -5.23 11.06
CA LYS B 78 -41.54 -4.21 10.04
C LYS B 78 -40.19 -3.69 9.59
N ASN B 79 -39.09 -4.23 10.13
CA ASN B 79 -37.74 -3.81 9.79
C ASN B 79 -37.53 -2.32 10.07
N THR B 80 -37.94 -1.89 11.25
CA THR B 80 -37.76 -0.51 11.68
C THR B 80 -37.08 -0.48 13.05
N ILE B 81 -36.41 0.65 13.32
CA ILE B 81 -35.79 0.91 14.61
C ILE B 81 -36.19 2.31 15.06
N TYR B 82 -36.22 2.51 16.38
CA TYR B 82 -36.73 3.74 16.96
C TYR B 82 -35.73 4.30 17.97
N LEU B 83 -35.83 5.61 18.20
CA LEU B 83 -35.06 6.29 19.24
C LEU B 83 -35.98 7.26 19.98
N GLN B 84 -36.30 6.94 21.23
CA GLN B 84 -37.03 7.84 22.10
C GLN B 84 -36.05 8.77 22.81
N MET B 85 -36.29 10.09 22.72
CA MET B 85 -35.40 11.09 23.28
C MET B 85 -36.16 11.97 24.26
N ASN B 86 -35.94 11.76 25.55
CA ASN B 86 -36.54 12.55 26.62
C ASN B 86 -35.50 13.46 27.25
N SER B 87 -35.99 14.53 27.88
CA SER B 87 -35.15 15.51 28.57
C SER B 87 -34.13 16.12 27.61
N LEU B 88 -34.62 16.67 26.50
CA LEU B 88 -33.76 17.19 25.45
C LEU B 88 -33.14 18.51 25.89
N ASN B 89 -31.81 18.56 25.93
CA ASN B 89 -31.05 19.76 26.22
C ASN B 89 -30.48 20.34 24.92
N PRO B 90 -30.08 21.62 24.92
CA PRO B 90 -29.57 22.23 23.68
C PRO B 90 -28.37 21.50 23.09
N GLY B 91 -27.60 20.76 23.89
CA GLY B 91 -26.48 20.00 23.36
C GLY B 91 -26.86 18.83 22.47
N ASP B 92 -28.14 18.49 22.39
CA ASP B 92 -28.63 17.40 21.55
C ASP B 92 -28.96 17.84 20.13
N THR B 93 -28.87 19.12 19.83
CA THR B 93 -29.14 19.62 18.49
C THR B 93 -28.10 19.09 17.50
N ALA B 94 -28.54 18.29 16.55
CA ALA B 94 -27.67 17.69 15.54
C ALA B 94 -28.53 17.05 14.46
N VAL B 95 -27.87 16.59 13.41
CA VAL B 95 -28.50 15.74 12.41
C VAL B 95 -28.33 14.30 12.86
N TYR B 96 -29.44 13.58 12.98
CA TYR B 96 -29.42 12.21 13.48
C TYR B 96 -29.55 11.25 12.30
N SER B 97 -28.71 10.22 12.29
CA SER B 97 -28.67 9.25 11.21
C SER B 97 -28.66 7.83 11.77
N CYS B 98 -29.47 6.96 11.17
CA CYS B 98 -29.42 5.55 11.48
C CYS B 98 -28.43 4.83 10.56
N ALA B 99 -27.81 3.78 11.09
CA ALA B 99 -26.79 3.04 10.38
C ALA B 99 -27.00 1.54 10.55
N ALA B 100 -26.62 0.78 9.52
CA ALA B 100 -26.73 -0.66 9.51
C ALA B 100 -25.41 -1.28 9.08
N THR B 101 -25.04 -2.40 9.70
CA THR B 101 -23.85 -3.14 9.31
C THR B 101 -23.93 -4.54 9.92
N LEU B 102 -23.07 -5.42 9.42
CA LEU B 102 -22.97 -6.79 9.89
C LEU B 102 -22.09 -6.87 11.13
N PRO B 103 -22.32 -7.85 12.02
CA PRO B 103 -21.54 -7.92 13.26
C PRO B 103 -20.05 -8.10 13.06
N ALA B 104 -19.62 -8.64 11.91
CA ALA B 104 -18.19 -8.73 11.63
C ALA B 104 -17.55 -7.36 11.42
N TRP B 105 -18.34 -6.35 11.05
CA TRP B 105 -17.80 -5.01 10.88
C TRP B 105 -17.58 -4.29 12.19
N THR B 106 -18.31 -4.66 13.24
CA THR B 106 -18.16 -4.01 14.54
C THR B 106 -17.13 -4.69 15.43
N GLY B 107 -16.95 -6.00 15.31
CA GLY B 107 -16.01 -6.67 16.19
C GLY B 107 -16.49 -6.69 17.63
N ILE B 108 -15.53 -6.76 18.54
CA ILE B 108 -15.85 -6.89 19.96
C ILE B 108 -16.05 -5.54 20.64
N ILE B 109 -15.29 -4.51 20.24
CA ILE B 109 -15.35 -3.23 20.93
C ILE B 109 -15.43 -2.08 19.94
N GLY B 110 -15.76 -2.38 18.69
CA GLY B 110 -15.83 -1.35 17.67
C GLY B 110 -17.23 -0.94 17.31
N GLY B 111 -18.20 -1.25 18.17
CA GLY B 111 -19.59 -0.95 17.88
C GLY B 111 -19.92 0.53 17.90
N ARG B 112 -19.01 1.36 18.42
CA ARG B 112 -19.22 2.79 18.54
C ARG B 112 -18.61 3.59 17.39
N ARG B 113 -17.86 2.94 16.51
CA ARG B 113 -17.14 3.65 15.45
C ARG B 113 -18.04 3.80 14.24
N PRO B 114 -18.34 5.02 13.78
CA PRO B 114 -19.22 5.17 12.62
C PRO B 114 -18.65 4.62 11.33
N GLY B 115 -17.32 4.53 11.20
CA GLY B 115 -16.70 3.92 10.05
C GLY B 115 -16.93 2.43 9.91
N ASN B 116 -17.46 1.79 10.94
CA ASN B 116 -17.81 0.38 10.89
C ASN B 116 -19.22 0.14 10.35
N TYR B 117 -19.90 1.18 9.90
CA TYR B 117 -21.24 1.06 9.33
C TYR B 117 -21.23 1.60 7.90
N PRO B 118 -21.27 0.76 6.87
CA PRO B 118 -21.23 1.27 5.49
C PRO B 118 -22.58 1.75 4.98
N TYR B 119 -23.68 1.39 5.63
CA TYR B 119 -25.02 1.76 5.18
C TYR B 119 -25.60 2.83 6.09
N TRP B 120 -26.05 3.93 5.48
CA TRP B 120 -26.47 5.11 6.21
C TRP B 120 -27.81 5.59 5.69
N GLY B 121 -28.49 6.40 6.51
CA GLY B 121 -29.67 7.12 6.09
C GLY B 121 -29.34 8.55 5.69
N GLN B 122 -30.37 9.25 5.21
CA GLN B 122 -30.18 10.63 4.76
C GLN B 122 -29.98 11.59 5.93
N GLY B 123 -30.45 11.25 7.13
CA GLY B 123 -30.34 12.13 8.27
C GLY B 123 -31.53 13.03 8.45
N THR B 124 -32.04 13.12 9.69
CA THR B 124 -33.12 14.01 10.03
C THR B 124 -32.64 15.04 11.05
N GLN B 125 -33.09 16.28 10.88
CA GLN B 125 -32.64 17.37 11.75
C GLN B 125 -33.42 17.37 13.06
N VAL B 126 -32.69 17.58 14.16
CA VAL B 126 -33.28 17.74 15.47
C VAL B 126 -32.70 19.02 16.07
N THR B 127 -33.57 20.00 16.33
CA THR B 127 -33.15 21.28 16.88
C THR B 127 -33.85 21.49 18.22
N VAL B 128 -33.08 21.54 19.29
CA VAL B 128 -33.60 21.74 20.64
C VAL B 128 -33.45 23.21 20.98
N SER B 129 -34.57 23.93 21.01
CA SER B 129 -34.55 25.37 21.32
C SER B 129 -34.05 25.63 22.73
C2 MPG C . 21.11 2.19 -18.73
C3 MPG C . 22.36 1.65 -19.44
C4 MPG C . 23.63 1.67 -18.60
C5 MPG C . 24.40 2.97 -18.77
C6 MPG C . 25.59 3.12 -17.84
C7 MPG C . 25.31 3.93 -16.58
C8 MPG C . 26.61 4.10 -15.81
C9 MPG C . 26.70 5.34 -14.97
C10 MPG C . 27.37 6.45 -15.26
C11 MPG C . 27.52 7.67 -14.41
C12 MPG C . 28.87 7.54 -13.69
C13 MPG C . 29.95 7.22 -14.74
C14 MPG C . 31.32 6.83 -14.19
C15 MPG C . 31.24 5.92 -12.96
C16 MPG C . 32.60 5.37 -12.54
C17 MPG C . 32.99 5.75 -11.13
C18 MPG C . 33.00 7.26 -10.90
O1 MPG C . 19.59 3.67 -19.82
C1 MPG C . 20.85 3.62 -19.13
CXD MPG C . 19.07 5.13 -21.61
O2 MPG C . 18.30 4.96 -22.77
C21 MPG C . 20.22 6.12 -21.79
O3 MPG C . 19.80 7.12 -22.67
O4 MPG C . 20.02 2.92 -21.89
CX3 MPG C . 19.61 3.78 -21.14
C2 MPG D . 8.59 -3.46 1.80
C3 MPG D . 9.69 -2.70 1.06
C4 MPG D . 9.47 -1.19 1.04
C5 MPG D . 10.77 -0.40 1.00
C6 MPG D . 10.75 0.49 -0.25
C7 MPG D . 12.05 1.15 -0.66
C8 MPG D . 13.12 0.15 -1.06
C9 MPG D . 13.12 -0.04 -2.54
C10 MPG D . 13.44 -1.14 -3.22
C11 MPG D . 13.37 -1.30 -4.71
C12 MPG D . 14.12 -0.21 -5.46
C13 MPG D . 13.42 0.11 -6.78
C14 MPG D . 14.07 1.23 -7.55
C15 MPG D . 13.56 2.58 -7.05
C16 MPG D . 14.43 3.78 -7.42
C17 MPG D . 14.07 5.02 -6.60
C18 MPG D . 15.14 5.43 -5.59
O1 MPG D . 8.64 -5.49 0.54
C1 MPG D . 8.92 -4.94 1.83
CXD MPG D . 8.95 -7.30 -0.98
O2 MPG D . 9.91 -8.22 -1.38
C21 MPG D . 8.29 -6.58 -2.16
O3 MPG D . 7.91 -7.56 -3.10
O4 MPG D . 10.73 -6.22 0.23
CX3 MPG D . 9.55 -6.29 -0.01
C2 MPG E . -9.38 -19.47 2.06
C3 MPG E . -7.90 -19.79 1.87
C4 MPG E . -6.97 -18.70 2.39
C5 MPG E . -5.49 -19.06 2.23
C6 MPG E . -4.56 -17.91 1.83
C7 MPG E . -3.26 -18.42 1.20
C8 MPG E . -2.53 -19.38 2.13
C9 MPG E . -1.04 -19.46 2.05
C10 MPG E . -0.28 -20.23 1.25
C11 MPG E . 1.22 -20.30 1.23
C12 MPG E . 1.93 -20.24 -0.12
C13 MPG E . 2.15 -18.81 -0.58
C14 MPG E . 2.89 -18.64 -1.90
C15 MPG E . 2.09 -19.00 -3.14
C16 MPG E . 2.99 -19.22 -4.35
C17 MPG E . 2.20 -19.49 -5.62
C18 MPG E . 3.09 -19.90 -6.79
O1 MPG E . -11.61 -19.94 1.33
C1 MPG E . -10.26 -20.46 1.33
CXD MPG E . -13.96 -20.14 1.22
O2 MPG E . -14.46 -20.68 0.04
C21 MPG E . -13.83 -18.63 1.19
O3 MPG E . -14.97 -18.11 0.56
O4 MPG E . -12.49 -21.87 2.04
CX3 MPG E . -12.61 -20.77 1.58
C2 MPG F . 6.21 7.39 -3.46
C3 MPG F . 7.06 8.63 -3.75
C4 MPG F . 7.64 9.38 -2.56
C5 MPG F . 8.87 10.15 -3.02
C6 MPG F . 9.64 11.04 -2.04
C7 MPG F . 8.86 12.34 -1.86
C8 MPG F . 9.50 13.57 -1.19
C9 MPG F . 8.43 14.57 -1.43
C10 MPG F . 7.51 15.12 -0.64
C11 MPG F . 6.39 16.00 -1.11
C12 MPG F . 5.38 14.88 -1.41
C13 MPG F . 5.39 14.20 -2.77
C14 MPG F . 4.26 13.18 -2.86
C15 MPG F . 4.28 12.35 -4.13
C16 MPG F . 3.12 11.35 -4.18
C17 MPG F . 3.14 10.42 -5.37
C18 MPG F . 2.01 9.38 -5.31
O1 MPG F . 5.30 5.37 -4.36
C1 MPG F . 6.09 6.53 -4.70
CXD MPG F . 4.37 3.23 -4.66
O2 MPG F . 4.95 1.97 -4.77
C21 MPG F . 3.03 3.33 -5.40
O3 MPG F . 2.46 2.05 -5.47
O4 MPG F . 5.90 4.26 -6.21
CX3 MPG F . 5.28 4.34 -5.18
C2 MPG G . -1.68 -7.80 2.18
C3 MPG G . -2.95 -7.54 1.36
C4 MPG G . -3.10 -8.54 0.22
C5 MPG G . -2.89 -7.92 -1.15
C6 MPG G . -1.44 -7.54 -1.45
C7 MPG G . -1.27 -6.06 -1.76
C8 MPG G . -2.25 -5.63 -2.85
C9 MPG G . -2.76 -4.23 -2.72
C10 MPG G . -4.02 -3.85 -2.88
C11 MPG G . -5.20 -4.74 -3.14
C12 MPG G . -5.43 -5.11 -4.62
C13 MPG G . -5.27 -3.92 -5.57
C14 MPG G . -4.16 -4.15 -6.59
C15 MPG G . -3.40 -2.86 -6.93
C16 MPG G . -2.10 -3.12 -7.68
C17 MPG G . -0.86 -2.64 -6.92
C18 MPG G . -0.61 -3.43 -5.64
O1 MPG G . -2.08 -5.66 3.12
C1 MPG G . -1.68 -7.00 3.46
CXD MPG G . -0.94 -3.98 1.92
O2 MPG G . -0.16 -2.85 2.12
C21 MPG G . -2.29 -3.70 1.25
O3 MPG G . -2.05 -2.86 0.15
O4 MPG G . -0.58 -4.45 4.26
CX3 MPG G . -1.17 -4.72 3.24
C1 OCT H . 15.67 18.50 9.66
C2 OCT H . 15.55 17.47 8.55
C3 OCT H . 14.27 17.63 7.74
C4 OCT H . 14.16 16.65 6.58
C5 OCT H . 13.07 17.01 5.58
C6 OCT H . 13.02 16.10 4.36
C7 OCT H . 14.28 16.18 3.48
C8 OCT H . 14.11 15.46 2.16
C1 OCT I . 0.91 -16.61 11.11
C2 OCT I . 1.57 -17.43 10.02
C3 OCT I . 1.30 -16.90 8.62
C4 OCT I . 1.88 -17.77 7.50
C5 OCT I . 1.73 -17.14 6.12
C6 OCT I . 2.14 -18.07 4.98
C7 OCT I . 3.62 -18.45 5.01
C8 OCT I . 4.09 -19.06 3.69
C1 OCT J . 24.87 18.67 13.90
C2 OCT J . 23.50 18.44 13.29
C3 OCT J . 22.46 18.03 14.33
C4 OCT J . 21.11 17.66 13.73
C5 OCT J . 20.05 17.34 14.79
C6 OCT J . 18.82 16.66 14.23
C7 OCT J . 17.98 17.55 13.31
C8 OCT J . 16.63 16.94 12.96
C1 OCT K . 23.30 -22.72 0.34
C2 OCT K . 23.52 -23.39 -1.01
C3 OCT K . 22.25 -23.98 -1.60
C4 OCT K . 22.45 -24.61 -2.98
C5 OCT K . 21.17 -25.15 -3.59
C6 OCT K . 20.19 -24.06 -4.01
C7 OCT K . 19.01 -24.60 -4.83
C8 OCT K . 18.05 -23.51 -5.27
C1 OCT L . 14.74 5.91 17.06
C2 OCT L . 13.23 5.92 17.24
C3 OCT L . 12.50 5.35 16.02
C4 OCT L . 10.98 5.35 16.18
C5 OCT L . 10.29 4.73 14.97
C6 OCT L . 8.77 4.71 15.04
C7 OCT L . 8.20 3.95 16.24
C8 OCT L . 6.68 3.95 16.20
S SO4 M . 36.99 6.14 -16.06
O1 SO4 M . 36.14 5.30 -15.23
O2 SO4 M . 36.85 7.54 -15.66
O3 SO4 M . 38.39 5.73 -15.89
O4 SO4 M . 36.61 6.00 -17.46
S SO4 N . -5.37 -24.36 -24.81
O1 SO4 N . -6.17 -24.66 -23.64
O2 SO4 N . -4.17 -25.19 -24.81
O3 SO4 N . -6.15 -24.63 -26.02
O4 SO4 N . -4.97 -22.95 -24.80
ZN ZN O . 28.22 10.61 -8.87
CL CL P . 27.85 12.67 -10.90
CL CL Q . 27.80 9.66 -5.54
#